data_5QHH
#
_entry.id   5QHH
#
_cell.length_a   124.400
_cell.length_b   124.400
_cell.length_c   41.100
_cell.angle_alpha   90.000
_cell.angle_beta   90.000
_cell.angle_gamma   120.000
#
_symmetry.space_group_name_H-M   'P 3 2 1'
#
loop_
_entity.id
_entity.type
_entity.pdbx_description
1 polymer 'Peroxisomal coenzyme A diphosphatase NUDT7'
2 non-polymer 'ACETATE ION'
3 non-polymer 'DIMETHYL SULFOXIDE'
4 non-polymer 2-{3-[(2S)-1-acetylpyrrolidin-2-yl]phenyl}-N-(3-chlorophenyl)acetamide
5 water water
#
_entity_poly.entity_id   1
_entity_poly.type   'polypeptide(L)'
_entity_poly.pdbx_seq_one_letter_code
;SMLDDAKARLRKYDIGGKYSHLPYNKYSVLLPLVAKEGKLHLLFTVRSEKLRRAPGEVCFPGGKRDPTDMDDAATALREA
QEEVGLR(HYP)HQVEVV(CSO)CLVPCLIDTDTLITPFVGLIDHNFQAQPNPAEVKDVFLVPLAYFLHPQVHDQHYVTR
LGHRFINHIFEYTNPEDGVTYQIKGMTANLAVLVAFIILEKKPT
;
_entity_poly.pdbx_strand_id   A
#
loop_
_chem_comp.id
_chem_comp.type
_chem_comp.name
_chem_comp.formula
ACT non-polymer 'ACETATE ION' 'C2 H3 O2 -1'
DMS non-polymer 'DIMETHYL SULFOXIDE' 'C2 H6 O S'
H5D non-polymer 2-{3-[(2S)-1-acetylpyrrolidin-2-yl]phenyl}-N-(3-chlorophenyl)acetamide 'C20 H21 Cl N2 O2'
#
# COMPACT_ATOMS: atom_id res chain seq x y z
N SER A 1 20.56 -9.41 -5.50
CA SER A 1 20.24 -8.82 -4.15
C SER A 1 18.74 -8.90 -3.87
N MET A 2 18.37 -8.76 -2.60
CA MET A 2 16.97 -8.80 -2.14
C MET A 2 16.14 -7.79 -2.92
N LEU A 3 16.64 -6.57 -3.07
CA LEU A 3 15.85 -5.51 -3.69
C LEU A 3 15.78 -5.67 -5.20
N ASP A 4 16.88 -6.06 -5.82
CA ASP A 4 16.87 -6.31 -7.27
C ASP A 4 15.95 -7.49 -7.62
N ASP A 5 15.95 -8.51 -6.78
CA ASP A 5 15.08 -9.66 -6.92
C ASP A 5 13.59 -9.22 -6.76
N ALA A 6 13.28 -8.42 -5.75
CA ALA A 6 11.88 -7.93 -5.58
C ALA A 6 11.39 -7.12 -6.78
N LYS A 7 12.24 -6.20 -7.27
CA LYS A 7 11.83 -5.38 -8.41
C LYS A 7 11.65 -6.22 -9.68
N ALA A 8 12.53 -7.18 -9.92
CA ALA A 8 12.42 -8.05 -11.07
C ALA A 8 11.10 -8.85 -11.02
N ARG A 9 10.72 -9.31 -9.82
CA ARG A 9 9.47 -10.07 -9.66
C ARG A 9 8.28 -9.15 -9.94
N LEU A 10 8.28 -7.96 -9.31
CA LEU A 10 7.19 -7.02 -9.49
C LEU A 10 6.97 -6.61 -10.92
N ARG A 11 8.04 -6.41 -11.68
CA ARG A 11 7.91 -5.96 -13.07
C ARG A 11 7.14 -6.95 -13.94
N LYS A 12 7.18 -8.24 -13.59
CA LYS A 12 6.45 -9.26 -14.32
C LYS A 12 4.93 -9.12 -14.18
N TYR A 13 4.43 -8.40 -13.18
CA TYR A 13 3.03 -8.20 -12.94
C TYR A 13 2.53 -6.80 -13.31
N ASP A 14 3.41 -5.99 -13.86
CA ASP A 14 3.11 -4.58 -14.20
C ASP A 14 2.08 -4.59 -15.33
N ILE A 15 0.97 -3.91 -15.12
CA ILE A 15 0.03 -3.70 -16.21
C ILE A 15 0.28 -2.34 -16.89
N GLY A 16 1.15 -1.51 -16.32
CA GLY A 16 1.42 -0.19 -16.89
C GLY A 16 0.15 0.68 -16.93
N GLY A 17 0.02 1.47 -18.00
CA GLY A 17 -1.13 2.39 -18.16
C GLY A 17 -2.33 1.83 -18.93
N LYS A 18 -2.39 0.51 -19.05
CA LYS A 18 -3.39 -0.19 -19.86
C LYS A 18 -4.84 0.24 -19.51
N TYR A 19 -5.17 0.39 -18.23
CA TYR A 19 -6.53 0.74 -17.79
C TYR A 19 -6.68 2.24 -17.36
N SER A 20 -5.62 3.01 -17.56
CA SER A 20 -5.53 4.35 -16.95
C SER A 20 -6.37 5.44 -17.59
N HIS A 21 -6.80 5.28 -18.84
N HIS A 21 -6.77 5.23 -18.84
CA HIS A 21 -7.59 6.35 -19.49
CA HIS A 21 -7.50 6.24 -19.58
C HIS A 21 -9.08 6.13 -19.36
C HIS A 21 -9.01 5.99 -19.61
N LEU A 22 -9.49 4.93 -18.93
CA LEU A 22 -10.92 4.65 -18.87
C LEU A 22 -11.66 5.66 -17.99
N PRO A 23 -12.91 6.02 -18.34
CA PRO A 23 -13.60 7.18 -17.76
C PRO A 23 -14.23 6.93 -16.40
N TYR A 24 -13.40 6.57 -15.40
CA TYR A 24 -13.85 6.32 -14.07
C TYR A 24 -13.60 7.50 -13.12
N ASN A 25 -14.25 7.47 -11.96
CA ASN A 25 -13.75 8.22 -10.79
C ASN A 25 -12.45 7.50 -10.37
N LYS A 26 -11.33 8.23 -10.35
CA LYS A 26 -10.00 7.61 -10.29
C LYS A 26 -9.31 7.93 -8.97
N TYR A 27 -8.81 6.87 -8.33
CA TYR A 27 -7.97 6.98 -7.12
C TYR A 27 -6.75 6.12 -7.31
N SER A 28 -5.63 6.49 -6.67
CA SER A 28 -4.43 5.67 -6.67
C SER A 28 -4.01 5.39 -5.26
N VAL A 29 -3.38 4.23 -5.05
CA VAL A 29 -2.79 3.90 -3.76
C VAL A 29 -1.34 3.54 -3.98
N LEU A 30 -0.50 3.84 -2.97
CA LEU A 30 0.88 3.44 -2.97
C LEU A 30 1.09 2.29 -1.97
N LEU A 31 1.66 1.20 -2.44
CA LEU A 31 1.98 0.04 -1.61
C LEU A 31 3.49 0.22 -1.33
N PRO A 32 3.87 0.75 -0.15
CA PRO A 32 5.23 1.18 0.08
C PRO A 32 6.05 0.08 0.74
N LEU A 33 7.06 -0.39 0.01
CA LEU A 33 7.98 -1.44 0.50
C LEU A 33 9.21 -0.83 1.16
N VAL A 34 9.44 -1.25 2.38
CA VAL A 34 10.56 -0.77 3.24
C VAL A 34 11.42 -1.99 3.57
N ALA A 35 12.74 -1.85 3.40
CA ALA A 35 13.65 -2.92 3.80
C ALA A 35 14.28 -2.56 5.14
N LYS A 36 14.04 -3.41 6.13
CA LYS A 36 14.60 -3.22 7.52
C LYS A 36 14.98 -4.58 8.04
N GLU A 37 16.08 -4.64 8.81
CA GLU A 37 16.45 -5.88 9.50
C GLU A 37 16.54 -7.08 8.58
N GLY A 38 16.96 -6.82 7.35
CA GLY A 38 17.20 -7.80 6.36
C GLY A 38 15.95 -8.39 5.72
N LYS A 39 14.80 -7.73 5.88
CA LYS A 39 13.51 -8.27 5.38
C LYS A 39 12.71 -7.14 4.76
N LEU A 40 11.82 -7.47 3.83
CA LEU A 40 10.88 -6.48 3.31
C LEU A 40 9.64 -6.34 4.19
N HIS A 41 9.14 -5.11 4.26
CA HIS A 41 7.97 -4.74 5.02
C HIS A 41 7.07 -3.89 4.13
N LEU A 42 5.79 -3.90 4.43
CA LEU A 42 4.88 -2.91 3.89
C LEU A 42 4.56 -1.85 4.92
N LEU A 43 4.45 -0.60 4.47
CA LEU A 43 4.04 0.52 5.31
C LEU A 43 2.54 0.75 5.18
N PHE A 44 1.87 0.85 6.32
CA PHE A 44 0.45 1.10 6.41
C PHE A 44 0.19 2.38 7.18
N THR A 45 -0.97 2.97 6.93
CA THR A 45 -1.45 4.10 7.74
C THR A 45 -2.70 3.70 8.47
N VAL A 46 -3.00 4.41 9.56
CA VAL A 46 -4.30 4.36 10.17
C VAL A 46 -4.95 5.72 9.92
N ARG A 47 -6.13 5.68 9.31
CA ARG A 47 -6.88 6.91 9.01
C ARG A 47 -7.31 7.57 10.30
N SER A 48 -7.25 8.89 10.30
CA SER A 48 -7.69 9.67 11.45
C SER A 48 -9.15 9.36 11.80
N GLU A 49 -9.45 9.38 13.10
CA GLU A 49 -10.83 9.16 13.56
C GLU A 49 -11.76 10.33 13.18
N LYS A 50 -11.19 11.47 12.80
CA LYS A 50 -11.94 12.65 12.35
C LYS A 50 -12.48 12.57 10.94
N LEU A 51 -11.98 11.64 10.13
CA LEU A 51 -12.35 11.59 8.71
C LEU A 51 -13.76 11.04 8.57
N ARG A 52 -14.48 11.53 7.55
CA ARG A 52 -15.87 11.14 7.32
C ARG A 52 -15.96 9.70 6.78
N ARG A 53 -15.06 9.35 5.86
CA ARG A 53 -15.03 8.00 5.29
C ARG A 53 -13.97 7.14 5.98
N ALA A 54 -14.39 5.98 6.48
CA ALA A 54 -13.52 4.97 7.06
C ALA A 54 -12.60 5.48 8.17
N PRO A 55 -13.17 6.19 9.18
CA PRO A 55 -12.29 6.68 10.23
C PRO A 55 -11.66 5.53 10.98
N GLY A 56 -10.40 5.66 11.35
CA GLY A 56 -9.72 4.63 12.13
C GLY A 56 -9.29 3.36 11.39
N GLU A 57 -9.56 3.27 10.10
CA GLU A 57 -9.24 2.05 9.32
C GLU A 57 -7.77 2.06 8.90
N VAL A 58 -7.21 0.86 8.78
CA VAL A 58 -5.88 0.67 8.20
C VAL A 58 -5.98 0.75 6.69
N CYS A 59 -5.20 1.64 6.07
N CYS A 59 -5.05 1.49 6.10
CA CYS A 59 -5.18 1.80 4.63
CA CYS A 59 -5.18 1.92 4.73
C CYS A 59 -3.79 2.12 4.15
C CYS A 59 -3.82 2.28 4.14
N PHE A 60 -3.57 1.91 2.88
CA PHE A 60 -2.38 2.38 2.22
C PHE A 60 -2.48 3.87 1.96
N PRO A 61 -1.33 4.58 1.85
CA PRO A 61 -1.41 5.98 1.43
C PRO A 61 -1.98 6.11 0.01
N GLY A 62 -2.62 7.23 -0.27
CA GLY A 62 -3.16 7.46 -1.61
C GLY A 62 -4.39 8.35 -1.55
N GLY A 63 -5.11 8.42 -2.68
CA GLY A 63 -6.25 9.27 -2.73
C GLY A 63 -6.74 9.54 -4.13
N LYS A 64 -7.60 10.56 -4.26
CA LYS A 64 -8.26 10.84 -5.55
C LYS A 64 -7.36 11.60 -6.51
N ARG A 65 -7.35 11.22 -7.77
CA ARG A 65 -6.62 11.95 -8.80
C ARG A 65 -7.18 13.39 -8.85
N ASP A 66 -6.29 14.33 -9.09
CA ASP A 66 -6.69 15.73 -9.34
C ASP A 66 -6.10 16.21 -10.64
N PRO A 67 -6.52 17.42 -11.13
CA PRO A 67 -6.04 17.81 -12.45
C PRO A 67 -4.59 18.02 -12.63
N THR A 68 -3.86 18.23 -11.53
CA THR A 68 -2.43 18.48 -11.61
C THR A 68 -1.65 17.20 -11.99
N ASP A 69 -2.20 16.04 -11.68
CA ASP A 69 -1.44 14.81 -11.80
C ASP A 69 -1.13 14.46 -13.26
N MET A 70 0.14 14.23 -13.59
CA MET A 70 0.50 13.84 -14.95
C MET A 70 -0.03 12.45 -15.32
N ASP A 71 -0.14 11.59 -14.32
CA ASP A 71 -0.56 10.21 -14.49
C ASP A 71 -1.02 9.63 -13.13
N ASP A 72 -1.45 8.36 -13.12
CA ASP A 72 -1.97 7.75 -11.91
C ASP A 72 -0.89 7.55 -10.83
N ALA A 73 0.34 7.33 -11.28
CA ALA A 73 1.45 7.18 -10.32
C ALA A 73 1.64 8.51 -9.54
N ALA A 74 1.54 9.61 -10.29
CA ALA A 74 1.66 10.94 -9.67
C ALA A 74 0.63 11.18 -8.59
N THR A 75 -0.61 10.71 -8.79
CA THR A 75 -1.61 10.77 -7.75
C THR A 75 -1.15 10.11 -6.46
N ALA A 76 -0.65 8.87 -6.59
CA ALA A 76 -0.19 8.12 -5.43
C ALA A 76 0.92 8.87 -4.68
N LEU A 77 1.86 9.41 -5.42
CA LEU A 77 3.00 10.10 -4.82
C LEU A 77 2.60 11.41 -4.18
N ARG A 78 1.73 12.16 -4.83
CA ARG A 78 1.25 13.45 -4.27
C ARG A 78 0.54 13.24 -2.97
N GLU A 79 -0.38 12.27 -2.96
CA GLU A 79 -1.15 11.96 -1.77
C GLU A 79 -0.27 11.39 -0.64
N ALA A 80 0.68 10.52 -0.97
CA ALA A 80 1.58 9.98 0.03
C ALA A 80 2.43 11.09 0.65
N GLN A 81 2.88 12.03 -0.16
CA GLN A 81 3.64 13.19 0.38
C GLN A 81 2.77 13.97 1.39
N GLU A 82 1.52 14.25 1.04
CA GLU A 82 0.62 15.01 1.92
C GLU A 82 0.33 14.27 3.21
N GLU A 83 0.13 12.96 3.14
CA GLU A 83 -0.30 12.16 4.23
C GLU A 83 0.83 11.78 5.20
N VAL A 84 1.99 11.38 4.68
CA VAL A 84 3.06 10.86 5.54
C VAL A 84 4.44 11.52 5.30
N GLY A 85 4.50 12.54 4.45
CA GLY A 85 5.73 13.32 4.17
C GLY A 85 6.73 12.66 3.27
N LEU A 86 6.32 11.58 2.59
CA LEU A 86 7.18 10.92 1.61
C LEU A 86 7.46 11.80 0.41
N ARG A 87 8.73 12.16 0.18
CA ARG A 87 9.11 13.02 -0.93
C ARG A 87 9.46 12.19 -2.19
N HYP A 88 9.32 12.76 -3.40
CA HYP A 88 9.49 11.87 -4.56
C HYP A 88 10.86 11.27 -4.74
O HYP A 88 10.96 10.15 -5.26
CB HYP A 88 8.94 12.65 -5.77
CG HYP A 88 7.98 13.63 -5.12
CD HYP A 88 8.68 14.03 -3.82
OD1 HYP A 88 6.71 13.00 -4.78
N HIS A 89 11.92 11.93 -4.28
CA HIS A 89 13.25 11.33 -4.33
C HIS A 89 13.39 10.13 -3.38
N GLN A 90 12.43 9.95 -2.47
CA GLN A 90 12.46 8.86 -1.47
C GLN A 90 11.70 7.61 -1.90
N VAL A 91 11.14 7.60 -3.10
CA VAL A 91 10.33 6.49 -3.59
C VAL A 91 10.65 6.20 -5.06
N GLU A 92 10.84 4.92 -5.36
CA GLU A 92 10.97 4.46 -6.71
C GLU A 92 9.71 3.63 -7.01
N VAL A 93 8.87 4.14 -7.92
CA VAL A 93 7.69 3.41 -8.36
C VAL A 93 8.12 2.33 -9.35
N VAL A 94 7.85 1.06 -8.99
CA VAL A 94 8.36 -0.11 -9.70
C VAL A 94 7.31 -0.63 -10.67
N CSO A 95 6.04 -0.61 -10.28
CA CSO A 95 5.00 -1.12 -11.13
CB CSO A 95 5.08 -2.63 -11.14
SG CSO A 95 4.66 -3.32 -9.60
C CSO A 95 3.63 -0.73 -10.70
O CSO A 95 3.40 -0.24 -9.58
OD CSO A 95 3.60 -4.29 -10.52
N CYS A 96 2.70 -0.94 -11.62
CA CYS A 96 1.30 -0.79 -11.46
C CYS A 96 0.63 -2.17 -11.40
N LEU A 97 -0.01 -2.50 -10.31
CA LEU A 97 -0.70 -3.80 -10.14
C LEU A 97 -2.14 -3.70 -10.63
N VAL A 98 -2.79 -4.84 -10.68
CA VAL A 98 -4.19 -4.89 -11.11
C VAL A 98 -5.05 -3.87 -10.40
N PRO A 99 -5.78 -3.04 -11.18
CA PRO A 99 -6.71 -2.12 -10.53
C PRO A 99 -7.91 -2.78 -9.91
N CYS A 100 -8.50 -2.09 -8.93
N CYS A 100 -8.42 -2.15 -8.83
CA CYS A 100 -9.62 -2.56 -8.13
CA CYS A 100 -9.66 -2.53 -8.12
C CYS A 100 -10.89 -1.75 -8.53
C CYS A 100 -10.81 -1.74 -8.76
N LEU A 101 -11.91 -2.43 -9.05
CA LEU A 101 -13.18 -1.80 -9.44
C LEU A 101 -14.10 -1.75 -8.26
N ILE A 102 -14.68 -0.59 -7.99
CA ILE A 102 -15.68 -0.49 -6.91
C ILE A 102 -16.83 0.46 -7.27
N ASP A 103 -18.00 0.18 -6.72
CA ASP A 103 -19.16 1.06 -6.75
C ASP A 103 -19.70 1.34 -8.15
N THR A 104 -19.31 0.49 -9.12
CA THR A 104 -19.68 0.61 -10.53
C THR A 104 -19.05 1.76 -11.28
N ASP A 105 -18.51 2.78 -10.59
CA ASP A 105 -18.01 3.95 -11.24
C ASP A 105 -16.60 4.39 -10.82
N THR A 106 -15.89 3.53 -10.12
CA THR A 106 -14.63 3.93 -9.51
C THR A 106 -13.56 2.89 -9.81
N LEU A 107 -12.37 3.37 -10.09
CA LEU A 107 -11.25 2.51 -10.37
C LEU A 107 -10.07 2.97 -9.50
N ILE A 108 -9.55 2.05 -8.71
CA ILE A 108 -8.44 2.33 -7.79
C ILE A 108 -7.20 1.63 -8.32
N THR A 109 -6.17 2.38 -8.65
CA THR A 109 -4.97 1.85 -9.26
C THR A 109 -3.83 1.76 -8.20
N PRO A 110 -3.31 0.55 -7.93
CA PRO A 110 -2.23 0.39 -6.91
C PRO A 110 -0.88 0.39 -7.58
N PHE A 111 0.06 1.12 -6.99
CA PHE A 111 1.44 1.16 -7.44
C PHE A 111 2.32 0.66 -6.30
N VAL A 112 3.32 -0.17 -6.62
CA VAL A 112 4.29 -0.59 -5.62
C VAL A 112 5.50 0.33 -5.74
N GLY A 113 5.92 0.85 -4.58
CA GLY A 113 7.07 1.75 -4.51
C GLY A 113 8.10 1.24 -3.54
N LEU A 114 9.37 1.32 -3.90
CA LEU A 114 10.45 1.00 -2.98
C LEU A 114 10.84 2.29 -2.26
N ILE A 115 10.87 2.23 -0.94
CA ILE A 115 11.04 3.42 -0.09
C ILE A 115 12.48 3.49 0.39
N ASP A 116 13.03 4.70 0.33
CA ASP A 116 14.40 4.92 0.82
C ASP A 116 14.58 4.54 2.27
N HIS A 117 15.74 3.96 2.56
CA HIS A 117 16.05 3.55 3.95
C HIS A 117 16.13 4.70 4.95
N ASN A 118 16.32 5.93 4.53
CA ASN A 118 16.41 7.06 5.46
C ASN A 118 15.07 7.77 5.63
N PHE A 119 14.01 7.28 4.95
CA PHE A 119 12.70 7.90 5.15
C PHE A 119 12.19 7.66 6.54
N GLN A 120 11.68 8.71 7.16
CA GLN A 120 10.97 8.58 8.42
C GLN A 120 9.66 9.34 8.29
N ALA A 121 8.57 8.61 8.49
CA ALA A 121 7.23 9.15 8.27
C ALA A 121 6.96 10.27 9.23
N GLN A 122 6.36 11.32 8.69
CA GLN A 122 5.82 12.40 9.50
C GLN A 122 4.28 12.39 9.32
N PRO A 123 3.53 11.59 10.11
CA PRO A 123 2.04 11.54 9.87
C PRO A 123 1.39 12.95 9.94
N ASN A 124 0.62 13.38 8.92
CA ASN A 124 -0.24 14.59 9.00
C ASN A 124 -1.44 14.25 9.89
N PRO A 125 -1.50 14.78 11.14
CA PRO A 125 -2.50 14.29 12.07
C PRO A 125 -3.96 14.61 11.72
N ALA A 126 -4.18 15.55 10.82
CA ALA A 126 -5.56 15.77 10.34
C ALA A 126 -6.06 14.59 9.52
N GLU A 127 -5.14 13.81 8.94
CA GLU A 127 -5.48 12.68 8.05
C GLU A 127 -5.06 11.32 8.57
N VAL A 128 -3.93 11.28 9.26
CA VAL A 128 -3.27 10.02 9.61
C VAL A 128 -3.06 9.97 11.11
N LYS A 129 -3.66 8.97 11.74
CA LYS A 129 -3.54 8.70 13.18
C LYS A 129 -2.25 7.98 13.52
N ASP A 130 -1.78 7.11 12.61
CA ASP A 130 -0.65 6.24 12.93
C ASP A 130 -0.06 5.74 11.62
N VAL A 131 1.21 5.35 11.68
CA VAL A 131 1.93 4.68 10.57
C VAL A 131 2.63 3.50 11.19
N PHE A 132 2.63 2.37 10.51
CA PHE A 132 3.31 1.21 11.03
C PHE A 132 3.75 0.28 9.91
N LEU A 133 4.75 -0.54 10.20
CA LEU A 133 5.27 -1.54 9.26
C LEU A 133 4.80 -2.93 9.62
N VAL A 134 4.57 -3.75 8.60
CA VAL A 134 4.34 -5.17 8.79
C VAL A 134 5.28 -5.95 7.88
N PRO A 135 5.99 -6.96 8.41
CA PRO A 135 6.84 -7.73 7.53
C PRO A 135 5.98 -8.37 6.43
N LEU A 136 6.49 -8.32 5.21
CA LEU A 136 5.79 -8.88 4.08
C LEU A 136 5.46 -10.36 4.32
N ALA A 137 6.37 -11.11 4.94
CA ALA A 137 6.13 -12.53 5.19
C ALA A 137 4.95 -12.83 6.10
N TYR A 138 4.54 -11.87 6.93
CA TYR A 138 3.36 -12.02 7.77
C TYR A 138 2.15 -12.44 6.92
N PHE A 139 2.05 -11.90 5.71
CA PHE A 139 0.86 -12.11 4.90
C PHE A 139 0.77 -13.49 4.29
N LEU A 140 1.83 -14.29 4.43
CA LEU A 140 1.81 -15.71 4.08
C LEU A 140 1.24 -16.56 5.20
N HIS A 141 1.33 -16.09 6.44
CA HIS A 141 0.81 -16.81 7.61
C HIS A 141 0.16 -15.84 8.60
N PRO A 142 -0.91 -15.16 8.16
CA PRO A 142 -1.57 -14.15 8.97
C PRO A 142 -2.35 -14.77 10.12
N GLN A 143 -2.66 -13.96 11.11
CA GLN A 143 -3.58 -14.36 12.17
C GLN A 143 -4.97 -13.88 11.77
N VAL A 144 -5.86 -14.82 11.44
CA VAL A 144 -7.12 -14.50 10.81
C VAL A 144 -8.21 -14.54 11.85
N HIS A 145 -9.08 -13.54 11.82
CA HIS A 145 -10.27 -13.45 12.65
C HIS A 145 -11.46 -13.24 11.72
N ASP A 146 -12.55 -13.94 11.96
CA ASP A 146 -13.74 -13.85 11.12
C ASP A 146 -14.77 -12.99 11.83
N GLN A 147 -15.16 -11.88 11.20
CA GLN A 147 -16.12 -10.92 11.77
C GLN A 147 -17.52 -11.17 11.23
N ILE A 158 -19.94 -13.16 6.89
CA ILE A 158 -18.70 -13.46 7.60
C ILE A 158 -17.47 -13.21 6.70
N ASN A 159 -16.64 -12.23 7.06
CA ASN A 159 -15.43 -11.86 6.28
C ASN A 159 -14.13 -11.87 7.11
N HIS A 160 -13.03 -12.20 6.44
CA HIS A 160 -11.74 -12.46 7.08
C HIS A 160 -10.98 -11.15 7.38
N ILE A 161 -10.55 -10.99 8.63
CA ILE A 161 -9.78 -9.83 9.11
C ILE A 161 -8.42 -10.37 9.56
N PHE A 162 -7.34 -9.66 9.25
CA PHE A 162 -6.03 -10.01 9.77
C PHE A 162 -5.77 -9.20 11.03
N GLU A 163 -5.19 -9.81 12.05
CA GLU A 163 -4.70 -9.08 13.23
C GLU A 163 -3.19 -9.18 13.30
N TYR A 164 -2.56 -8.03 13.27
CA TYR A 164 -1.11 -7.97 13.35
C TYR A 164 -0.77 -7.25 14.65
N THR A 165 0.07 -7.90 15.44
CA THR A 165 0.60 -7.29 16.68
C THR A 165 2.05 -6.88 16.49
N ASN A 166 2.35 -5.58 16.68
CA ASN A 166 3.71 -5.09 16.57
C ASN A 166 4.52 -5.56 17.79
N PRO A 167 5.59 -6.34 17.59
CA PRO A 167 6.34 -6.84 18.76
C PRO A 167 7.09 -5.75 19.51
N GLU A 168 7.26 -4.58 18.90
CA GLU A 168 7.94 -3.47 19.58
C GLU A 168 7.16 -2.95 20.75
N ASP A 169 5.84 -2.89 20.62
CA ASP A 169 4.98 -2.28 21.64
C ASP A 169 3.71 -3.03 22.01
N GLY A 170 3.45 -4.18 21.39
CA GLY A 170 2.24 -4.94 21.70
C GLY A 170 0.92 -4.45 21.12
N VAL A 171 0.96 -3.42 20.27
CA VAL A 171 -0.24 -2.86 19.69
C VAL A 171 -0.72 -3.75 18.53
N THR A 172 -2.01 -4.05 18.56
CA THR A 172 -2.66 -4.89 17.53
C THR A 172 -3.46 -4.02 16.55
N TYR A 173 -3.24 -4.28 15.26
CA TYR A 173 -3.91 -3.57 14.19
C TYR A 173 -4.74 -4.59 13.41
N GLN A 174 -5.93 -4.14 12.97
CA GLN A 174 -6.80 -4.95 12.12
C GLN A 174 -6.61 -4.49 10.68
N ILE A 175 -6.34 -5.45 9.80
CA ILE A 175 -6.12 -5.15 8.38
C ILE A 175 -7.15 -5.96 7.60
N LYS A 176 -7.94 -5.28 6.77
CA LYS A 176 -9.03 -5.99 6.10
C LYS A 176 -9.30 -5.46 4.73
N GLY A 177 -10.23 -6.14 4.04
CA GLY A 177 -10.68 -5.67 2.74
C GLY A 177 -9.63 -5.54 1.66
N MET A 178 -9.76 -4.52 0.82
CA MET A 178 -8.86 -4.27 -0.29
C MET A 178 -7.39 -4.18 0.21
N THR A 179 -7.22 -3.54 1.37
CA THR A 179 -5.87 -3.34 1.95
C THR A 179 -5.23 -4.69 2.26
N ALA A 180 -5.97 -5.58 2.90
CA ALA A 180 -5.49 -6.94 3.15
C ALA A 180 -5.24 -7.72 1.87
N ASN A 181 -6.16 -7.60 0.92
N ASN A 181 -6.17 -7.60 0.92
CA ASN A 181 -6.00 -8.32 -0.33
CA ASN A 181 -6.00 -8.32 -0.33
C ASN A 181 -4.76 -7.92 -1.10
C ASN A 181 -4.75 -7.92 -1.08
N LEU A 182 -4.49 -6.62 -1.18
CA LEU A 182 -3.33 -6.13 -1.89
C LEU A 182 -2.03 -6.54 -1.18
N ALA A 183 -2.05 -6.53 0.14
CA ALA A 183 -0.87 -6.97 0.90
C ALA A 183 -0.50 -8.42 0.61
N VAL A 184 -1.51 -9.28 0.57
CA VAL A 184 -1.27 -10.69 0.23
C VAL A 184 -0.73 -10.84 -1.19
N LEU A 185 -1.32 -10.09 -2.13
CA LEU A 185 -0.84 -10.14 -3.49
C LEU A 185 0.67 -9.80 -3.63
N VAL A 186 1.09 -8.70 -3.00
CA VAL A 186 2.47 -8.30 -3.02
C VAL A 186 3.38 -9.36 -2.37
N ALA A 187 2.94 -9.92 -1.24
CA ALA A 187 3.69 -10.99 -0.55
C ALA A 187 3.86 -12.18 -1.48
N PHE A 188 2.80 -12.61 -2.16
CA PHE A 188 2.93 -13.74 -3.09
C PHE A 188 3.92 -13.43 -4.22
N ILE A 189 3.76 -12.26 -4.85
CA ILE A 189 4.59 -11.91 -5.96
C ILE A 189 6.06 -11.96 -5.58
N ILE A 190 6.38 -11.36 -4.43
CA ILE A 190 7.80 -11.17 -4.07
C ILE A 190 8.40 -12.40 -3.40
N LEU A 191 7.61 -13.12 -2.63
CA LEU A 191 8.18 -14.17 -1.73
C LEU A 191 7.96 -15.60 -2.22
N GLU A 192 7.06 -15.83 -3.18
CA GLU A 192 6.86 -17.22 -3.62
C GLU A 192 8.11 -17.80 -4.24
N LYS A 193 8.27 -19.11 -4.04
CA LYS A 193 9.31 -19.87 -4.74
C LYS A 193 10.68 -19.27 -4.62
N LYS A 194 11.17 -19.17 -3.39
CA LYS A 194 12.51 -18.65 -3.11
C LYS A 194 13.33 -19.65 -2.32
N PRO A 195 14.58 -19.92 -2.76
CA PRO A 195 15.49 -20.72 -1.92
C PRO A 195 15.80 -20.01 -0.61
N THR A 196 15.97 -20.76 0.48
CA THR A 196 16.37 -20.19 1.77
C THR A 196 17.90 -20.20 1.90
C ACT B . -7.21 -0.60 13.57
O ACT B . -6.42 0.38 13.58
OXT ACT B . -6.89 -1.71 14.04
CH3 ACT B . -8.59 -0.46 12.97
C ACT C . 13.72 7.46 -7.16
O ACT C . 13.12 8.54 -7.18
OXT ACT C . 14.16 6.96 -6.08
CH3 ACT C . 13.93 6.73 -8.44
S DMS D . 11.46 12.61 5.80
O DMS D . 12.13 11.28 5.69
C1 DMS D . 11.86 13.65 4.49
C2 DMS D . 9.76 12.58 5.52
S DMS E . 17.96 3.33 -0.69
O DMS E . 17.16 2.80 0.47
C1 DMS E . 19.61 2.82 -0.69
C2 DMS E . 17.42 2.56 -2.12
N1 H5D F . -5.45 6.54 1.82
C4 H5D F . -11.65 3.64 0.94
C5 H5D F . -10.31 2.93 0.72
C6 H5D F . -9.45 3.73 -0.21
C7 H5D F . -9.84 3.90 -1.53
C8 H5D F . -9.08 4.66 -2.41
C10 H5D F . -7.45 5.03 -0.74
C13 H5D F . -5.38 7.40 2.90
C15 H5D F . -4.69 7.70 5.23
C17 H5D F . -5.86 9.40 4.10
CL H5D F . -6.61 11.03 4.12
C16 H5D F . -5.27 8.95 5.24
C14 H5D F . -4.75 6.93 4.07
C18 H5D F . -5.93 8.68 2.95
C12 H5D F . -6.34 6.60 0.81
O1 H5D F . -7.27 7.42 0.70
C11 H5D F . -6.14 5.63 -0.30
C9 H5D F . -7.88 5.25 -2.02
C19 H5D F . -8.22 4.31 0.16
C3 H5D F . -11.43 4.49 2.16
C2 H5D F . -10.61 3.58 3.04
N H5D F . -9.80 2.77 2.11
C1 H5D F . -8.78 1.93 2.39
O H5D F . -8.12 1.38 1.51
C H5D F . -8.56 1.60 3.87
#